data_3HPW
#
_entry.id   3HPW
#
_cell.length_a   41.357
_cell.length_b   38.038
_cell.length_c   69.651
_cell.angle_alpha   90.00
_cell.angle_beta   97.51
_cell.angle_gamma   90.00
#
_symmetry.space_group_name_H-M   'P 1 21 1'
#
loop_
_entity.id
_entity.type
_entity.pdbx_description
1 polymer 'Cytotoxic protein ccdB'
2 polymer 'Protein ccdA'
3 non-polymer DI(HYDROXYETHYL)ETHER
4 non-polymer 'SULFATE ION'
5 water water
#
loop_
_entity_poly.entity_id
_entity_poly.type
_entity_poly.pdbx_seq_one_letter_code
_entity_poly.pdbx_strand_id
1 'polypeptide(L)'
;MQFKVYTYKRESRYRLFVDVQSDIIDTPGRRMVIPLASARLLSDKVSRELYPVVHIGDESWRMMTTDMASVPVSVIGEEV
ADLSHRENDIKNAINLMFWGI
;
A,B
2 'polypeptide(L)' RRLRAERWKAENQEGMAEVARFIEMNGSFADENRDW C
#
loop_
_chem_comp.id
_chem_comp.type
_chem_comp.name
_chem_comp.formula
PEG non-polymer DI(HYDROXYETHYL)ETHER 'C4 H10 O3'
SO4 non-polymer 'SULFATE ION' 'O4 S -2'
#
# COMPACT_ATOMS: atom_id res chain seq x y z
N MET A 1 -2.76 -12.58 6.63
CA MET A 1 -1.40 -13.12 6.73
C MET A 1 -0.73 -13.10 5.36
N GLN A 2 0.55 -12.74 5.33
CA GLN A 2 1.23 -12.52 4.07
C GLN A 2 1.19 -13.76 3.15
N PHE A 3 0.86 -13.49 1.89
CA PHE A 3 0.80 -14.45 0.78
C PHE A 3 -0.42 -15.36 0.79
N LYS A 4 -1.26 -15.28 1.82
CA LYS A 4 -2.53 -15.99 1.80
C LYS A 4 -3.54 -15.25 0.92
N VAL A 5 -4.43 -16.02 0.29
CA VAL A 5 -5.46 -15.49 -0.59
C VAL A 5 -6.80 -15.59 0.14
N TYR A 6 -7.57 -14.50 0.13
CA TYR A 6 -8.82 -14.40 0.85
C TYR A 6 -9.94 -13.96 -0.08
N THR A 7 -11.17 -14.35 0.26
CA THR A 7 -12.33 -13.80 -0.41
C THR A 7 -12.61 -12.39 0.11
N TYR A 8 -13.35 -11.65 -0.68
CA TYR A 8 -13.65 -10.23 -0.42
C TYR A 8 -15.15 -10.12 -0.14
N LYS A 9 -15.50 -9.65 1.06
CA LYS A 9 -16.90 -9.63 1.48
C LYS A 9 -17.59 -8.31 1.08
N ARG A 10 -17.51 -7.99 -0.20
CA ARG A 10 -18.18 -6.80 -0.79
C ARG A 10 -18.44 -7.12 -2.26
N GLU A 11 -19.52 -6.56 -2.82
CA GLU A 11 -19.76 -6.68 -4.25
C GLU A 11 -18.68 -5.87 -4.98
N SER A 12 -18.06 -6.46 -6.00
CA SER A 12 -16.95 -5.84 -6.69
C SER A 12 -16.60 -6.64 -7.93
N ARG A 13 -15.92 -6.02 -8.88
CA ARG A 13 -15.35 -6.77 -10.00
C ARG A 13 -14.26 -7.76 -9.53
N TYR A 14 -13.63 -7.47 -8.39
CA TYR A 14 -12.64 -8.37 -7.81
C TYR A 14 -13.25 -9.19 -6.67
N ARG A 15 -12.93 -10.48 -6.65
CA ARG A 15 -13.58 -11.43 -5.74
C ARG A 15 -12.59 -12.06 -4.75
N LEU A 16 -11.30 -12.04 -5.11
CA LEU A 16 -10.23 -12.61 -4.29
C LEU A 16 -9.11 -11.60 -4.23
N PHE A 17 -8.31 -11.65 -3.17
CA PHE A 17 -7.10 -10.87 -3.12
C PHE A 17 -6.02 -11.59 -2.33
N VAL A 18 -4.76 -11.28 -2.62
CA VAL A 18 -3.63 -11.83 -1.90
C VAL A 18 -3.08 -10.79 -0.93
N ASP A 19 -2.98 -11.17 0.34
CA ASP A 19 -2.36 -10.31 1.37
C ASP A 19 -0.88 -10.17 1.04
N VAL A 20 -0.35 -8.95 0.95
CA VAL A 20 1.06 -8.75 0.61
C VAL A 20 1.84 -7.94 1.65
N GLN A 21 1.19 -7.66 2.78
CA GLN A 21 1.83 -6.90 3.86
C GLN A 21 2.71 -7.81 4.72
N SER A 22 3.82 -7.30 5.23
CA SER A 22 4.67 -8.11 6.10
C SER A 22 3.90 -8.58 7.34
N ASP A 23 4.20 -9.80 7.82
CA ASP A 23 3.58 -10.27 9.04
C ASP A 23 4.19 -9.62 10.29
N ILE A 24 5.30 -8.89 10.14
CA ILE A 24 5.88 -8.22 11.30
C ILE A 24 5.34 -6.81 11.44
N ILE A 25 4.64 -6.33 10.41
CA ILE A 25 4.00 -5.03 10.37
C ILE A 25 2.51 -5.21 10.66
N ASP A 26 2.14 -4.97 11.91
CA ASP A 26 0.78 -5.25 12.34
C ASP A 26 0.04 -3.94 12.42
N THR A 27 -0.89 -3.74 11.48
CA THR A 27 -1.77 -2.56 11.46
C THR A 27 -3.15 -3.02 11.93
N PRO A 28 -3.43 -2.88 13.22
CA PRO A 28 -4.67 -3.49 13.70
C PRO A 28 -5.89 -3.06 12.89
N GLY A 29 -6.64 -4.05 12.40
CA GLY A 29 -7.84 -3.78 11.67
C GLY A 29 -7.75 -3.60 10.16
N ARG A 30 -6.54 -3.66 9.59
CA ARG A 30 -6.38 -3.46 8.13
C ARG A 30 -5.26 -4.34 7.61
N ARG A 31 -5.30 -4.63 6.30
CA ARG A 31 -4.14 -5.24 5.61
C ARG A 31 -4.03 -4.74 4.17
N MET A 32 -2.79 -4.60 3.69
CA MET A 32 -2.52 -4.29 2.29
CA MET A 32 -2.57 -4.27 2.28
C MET A 32 -2.65 -5.55 1.43
N VAL A 33 -3.42 -5.48 0.37
CA VAL A 33 -3.70 -6.65 -0.48
C VAL A 33 -3.66 -6.31 -1.97
N ILE A 34 -3.51 -7.34 -2.81
CA ILE A 34 -3.55 -7.18 -4.26
C ILE A 34 -4.68 -8.05 -4.82
N PRO A 35 -5.65 -7.46 -5.53
CA PRO A 35 -6.74 -8.28 -6.08
C PRO A 35 -6.30 -9.21 -7.22
N LEU A 36 -7.03 -10.32 -7.38
CA LEU A 36 -6.79 -11.27 -8.48
C LEU A 36 -7.91 -11.16 -9.50
N ALA A 37 -7.55 -11.35 -10.77
CA ALA A 37 -8.54 -11.44 -11.85
C ALA A 37 -8.31 -12.76 -12.56
N SER A 38 -9.37 -13.38 -13.08
CA SER A 38 -9.21 -14.61 -13.84
C SER A 38 -8.21 -14.42 -14.98
N ALA A 39 -7.23 -15.31 -15.10
CA ALA A 39 -6.12 -15.07 -16.03
C ALA A 39 -6.54 -14.96 -17.50
N ARG A 40 -7.58 -15.67 -17.88
CA ARG A 40 -8.04 -15.67 -19.27
C ARG A 40 -8.54 -14.29 -19.69
N LEU A 41 -8.76 -13.40 -18.73
CA LEU A 41 -9.27 -12.05 -19.02
C LEU A 41 -8.19 -11.09 -19.47
N LEU A 42 -6.92 -11.48 -19.38
CA LEU A 42 -5.81 -10.63 -19.82
C LEU A 42 -5.09 -11.25 -21.01
N SER A 43 -4.70 -10.40 -21.96
CA SER A 43 -3.96 -10.89 -23.12
C SER A 43 -2.49 -11.14 -22.81
N ASP A 44 -1.81 -11.83 -23.72
CA ASP A 44 -0.42 -12.22 -23.52
C ASP A 44 0.61 -11.11 -23.65
N LYS A 45 0.18 -9.93 -24.07
CA LYS A 45 1.10 -8.81 -24.11
C LYS A 45 1.35 -8.26 -22.71
N VAL A 46 0.39 -8.47 -21.80
CA VAL A 46 0.49 -7.95 -20.44
C VAL A 46 1.60 -8.66 -19.69
N SER A 47 2.57 -7.89 -19.24
CA SER A 47 3.75 -8.41 -18.57
C SER A 47 3.41 -9.32 -17.39
N ARG A 48 3.97 -10.53 -17.38
CA ARG A 48 3.89 -11.40 -16.22
C ARG A 48 4.86 -10.97 -15.11
N GLU A 49 5.78 -10.04 -15.42
CA GLU A 49 6.66 -9.50 -14.36
C GLU A 49 5.89 -8.56 -13.43
N LEU A 50 5.14 -7.63 -14.01
CA LEU A 50 4.30 -6.74 -13.22
C LEU A 50 2.98 -7.37 -12.79
N TYR A 51 2.45 -8.30 -13.60
CA TYR A 51 1.18 -8.96 -13.32
C TYR A 51 1.34 -10.48 -13.38
N PRO A 52 1.92 -11.07 -12.32
CA PRO A 52 2.15 -12.52 -12.34
C PRO A 52 0.88 -13.36 -12.50
N VAL A 53 1.07 -14.54 -13.12
CA VAL A 53 0.01 -15.53 -13.22
C VAL A 53 0.27 -16.55 -12.13
N VAL A 54 -0.75 -16.75 -11.29
CA VAL A 54 -0.67 -17.69 -10.16
C VAL A 54 -1.78 -18.73 -10.27
N HIS A 55 -1.60 -19.87 -9.61
CA HIS A 55 -2.60 -20.94 -9.69
CA HIS A 55 -2.55 -20.96 -9.68
C HIS A 55 -3.20 -21.29 -8.33
N ILE A 56 -4.52 -21.49 -8.34
CA ILE A 56 -5.28 -21.96 -7.19
C ILE A 56 -5.98 -23.20 -7.70
N GLY A 57 -5.60 -24.36 -7.18
CA GLY A 57 -6.11 -25.61 -7.73
C GLY A 57 -5.77 -25.69 -9.21
N ASP A 58 -6.77 -25.99 -10.03
CA ASP A 58 -6.58 -26.17 -11.46
C ASP A 58 -6.58 -24.84 -12.26
N GLU A 59 -6.98 -23.74 -11.63
CA GLU A 59 -7.27 -22.51 -12.36
C GLU A 59 -6.21 -21.43 -12.19
N SER A 60 -6.13 -20.57 -13.19
CA SER A 60 -5.13 -19.50 -13.25
CA SER A 60 -5.13 -19.51 -13.21
C SER A 60 -5.72 -18.12 -12.97
N TRP A 61 -4.91 -17.29 -12.33
CA TRP A 61 -5.33 -15.96 -11.88
C TRP A 61 -4.19 -14.99 -12.14
N ARG A 62 -4.51 -13.77 -12.56
CA ARG A 62 -3.52 -12.70 -12.65
C ARG A 62 -3.53 -11.85 -11.39
N MET A 63 -2.35 -11.57 -10.86
CA MET A 63 -2.24 -10.62 -9.75
CA MET A 63 -2.23 -10.63 -9.73
C MET A 63 -2.24 -9.20 -10.29
N MET A 64 -3.27 -8.44 -9.93
CA MET A 64 -3.47 -7.08 -10.45
C MET A 64 -2.71 -6.07 -9.59
N THR A 65 -1.38 -6.13 -9.70
CA THR A 65 -0.48 -5.42 -8.80
C THR A 65 -0.78 -3.93 -8.66
N THR A 66 -1.04 -3.27 -9.79
CA THR A 66 -1.29 -1.83 -9.77
C THR A 66 -2.63 -1.44 -9.14
N ASP A 67 -3.48 -2.43 -8.83
CA ASP A 67 -4.73 -2.19 -8.11
C ASP A 67 -4.57 -2.50 -6.62
N MET A 68 -3.34 -2.64 -6.13
CA MET A 68 -3.15 -2.89 -4.71
CA MET A 68 -3.12 -2.87 -4.71
C MET A 68 -3.83 -1.83 -3.85
N ALA A 69 -4.39 -2.26 -2.73
CA ALA A 69 -5.05 -1.35 -1.80
C ALA A 69 -5.14 -1.99 -0.45
N SER A 70 -5.17 -1.18 0.61
CA SER A 70 -5.53 -1.76 1.90
C SER A 70 -7.04 -1.86 2.08
N VAL A 71 -7.43 -2.85 2.89
CA VAL A 71 -8.84 -3.10 3.19
C VAL A 71 -8.99 -3.31 4.70
N PRO A 72 -10.17 -2.97 5.24
CA PRO A 72 -10.47 -3.25 6.64
C PRO A 72 -10.72 -4.74 6.84
N VAL A 73 -10.40 -5.25 8.02
CA VAL A 73 -10.60 -6.68 8.30
C VAL A 73 -12.06 -7.12 8.14
N SER A 74 -13.00 -6.19 8.29
CA SER A 74 -14.42 -6.51 8.13
C SER A 74 -14.78 -7.06 6.74
N VAL A 75 -13.94 -6.78 5.73
CA VAL A 75 -14.23 -7.26 4.38
C VAL A 75 -13.32 -8.44 3.97
N ILE A 76 -12.47 -8.89 4.89
CA ILE A 76 -11.55 -9.99 4.60
C ILE A 76 -12.22 -11.31 4.96
N GLY A 77 -12.44 -12.14 3.93
CA GLY A 77 -13.19 -13.38 4.08
C GLY A 77 -12.37 -14.62 4.27
N GLU A 78 -12.83 -15.71 3.62
CA GLU A 78 -12.26 -17.05 3.78
C GLU A 78 -10.87 -17.14 3.17
N GLU A 79 -9.89 -17.73 3.89
CA GLU A 79 -8.62 -18.12 3.25
C GLU A 79 -8.93 -19.23 2.26
N VAL A 80 -8.54 -19.04 1.01
CA VAL A 80 -8.82 -20.04 -0.01
C VAL A 80 -7.55 -20.59 -0.67
N ALA A 81 -6.39 -19.95 -0.41
CA ALA A 81 -5.15 -20.43 -0.97
C ALA A 81 -3.96 -19.81 -0.27
N ASP A 82 -2.78 -20.39 -0.51
CA ASP A 82 -1.53 -19.89 0.04
C ASP A 82 -0.57 -19.77 -1.13
N LEU A 83 -0.11 -18.56 -1.41
CA LEU A 83 0.81 -18.29 -2.52
C LEU A 83 2.23 -18.00 -2.02
N SER A 84 2.59 -18.50 -0.84
CA SER A 84 3.94 -18.23 -0.35
CA SER A 84 3.94 -18.29 -0.31
C SER A 84 5.03 -18.78 -1.26
N HIS A 85 4.72 -19.83 -2.04
CA HIS A 85 5.70 -20.37 -2.99
C HIS A 85 5.94 -19.43 -4.17
N ARG A 86 5.13 -18.38 -4.30
CA ARG A 86 5.37 -17.34 -5.32
C ARG A 86 5.89 -16.03 -4.73
N GLU A 87 6.41 -16.06 -3.51
CA GLU A 87 6.89 -14.83 -2.88
CA GLU A 87 6.93 -14.85 -2.87
C GLU A 87 7.93 -14.12 -3.75
N ASN A 88 8.76 -14.88 -4.47
CA ASN A 88 9.81 -14.23 -5.26
C ASN A 88 9.21 -13.38 -6.38
N ASP A 89 8.25 -13.93 -7.12
CA ASP A 89 7.62 -13.18 -8.20
C ASP A 89 6.72 -12.07 -7.68
N ILE A 90 6.11 -12.28 -6.51
CA ILE A 90 5.29 -11.24 -5.89
C ILE A 90 6.16 -10.05 -5.48
N LYS A 91 7.30 -10.33 -4.86
CA LYS A 91 8.28 -9.30 -4.54
C LYS A 91 8.73 -8.55 -5.78
N ASN A 92 9.03 -9.27 -6.85
CA ASN A 92 9.49 -8.61 -8.07
C ASN A 92 8.43 -7.65 -8.61
N ALA A 93 7.18 -8.06 -8.57
CA ALA A 93 6.10 -7.26 -9.14
C ALA A 93 5.91 -5.98 -8.32
N ILE A 94 5.88 -6.13 -7.00
CA ILE A 94 5.68 -4.97 -6.13
C ILE A 94 6.89 -4.02 -6.22
N ASN A 95 8.09 -4.58 -6.27
CA ASN A 95 9.27 -3.73 -6.41
C ASN A 95 9.30 -2.97 -7.72
N LEU A 96 8.79 -3.57 -8.79
CA LEU A 96 8.67 -2.89 -10.07
CA LEU A 96 8.64 -2.89 -10.08
C LEU A 96 7.71 -1.70 -9.96
N MET A 97 6.57 -1.90 -9.30
CA MET A 97 5.55 -0.86 -9.13
CA MET A 97 5.57 -0.85 -9.15
C MET A 97 6.13 0.41 -8.50
N PHE A 98 6.92 0.24 -7.44
CA PHE A 98 7.47 1.38 -6.71
C PHE A 98 8.83 1.88 -7.24
N TRP A 99 9.72 0.94 -7.59
CA TRP A 99 11.12 1.30 -7.89
C TRP A 99 11.53 1.10 -9.32
N GLY A 100 10.64 0.61 -10.18
CA GLY A 100 10.95 0.47 -11.59
C GLY A 100 12.16 -0.43 -11.82
N ILE A 101 13.02 -0.02 -12.75
CA ILE A 101 14.24 -0.75 -13.09
C ILE A 101 15.48 0.13 -12.93
N MET B 1 4.19 12.67 -10.16
CA MET B 1 5.60 12.31 -10.37
C MET B 1 6.24 11.90 -9.05
N GLN B 2 7.08 10.86 -9.08
CA GLN B 2 7.56 10.27 -7.85
C GLN B 2 8.31 11.28 -6.97
N PHE B 3 7.96 11.26 -5.69
CA PHE B 3 8.53 12.08 -4.61
C PHE B 3 8.06 13.53 -4.59
N LYS B 4 7.21 13.92 -5.53
CA LYS B 4 6.56 15.24 -5.46
C LYS B 4 5.38 15.23 -4.50
N VAL B 5 5.13 16.38 -3.87
CA VAL B 5 4.04 16.56 -2.91
C VAL B 5 2.96 17.42 -3.54
N TYR B 6 1.70 17.00 -3.40
CA TYR B 6 0.56 17.64 -4.03
C TYR B 6 -0.58 17.93 -3.07
N THR B 7 -1.34 18.99 -3.36
CA THR B 7 -2.59 19.25 -2.66
C THR B 7 -3.60 18.17 -3.04
N TYR B 8 -4.37 17.73 -2.05
CA TYR B 8 -5.39 16.70 -2.23
C TYR B 8 -6.75 17.37 -2.40
N LYS B 9 -7.35 17.24 -3.59
CA LYS B 9 -8.59 17.92 -3.89
C LYS B 9 -9.79 17.03 -3.59
N ARG B 10 -9.95 16.69 -2.31
CA ARG B 10 -11.12 15.97 -1.82
C ARG B 10 -11.39 16.49 -0.42
N GLU B 11 -12.65 16.50 -0.01
CA GLU B 11 -12.99 16.84 1.37
C GLU B 11 -12.47 15.72 2.27
N SER B 12 -11.58 16.06 3.20
CA SER B 12 -10.84 15.10 4.00
C SER B 12 -10.07 15.83 5.10
N ARG B 13 -9.73 15.11 6.17
CA ARG B 13 -8.80 15.64 7.15
C ARG B 13 -7.36 15.65 6.62
N TYR B 14 -7.08 14.84 5.61
CA TYR B 14 -5.82 14.92 4.90
C TYR B 14 -5.85 16.04 3.86
N ARG B 15 -4.74 16.77 3.72
CA ARG B 15 -4.69 17.89 2.78
C ARG B 15 -3.57 17.80 1.75
N LEU B 16 -2.57 16.95 2.01
CA LEU B 16 -1.38 16.80 1.17
C LEU B 16 -1.04 15.32 1.03
N PHE B 17 -0.43 14.94 -0.10
CA PHE B 17 0.16 13.61 -0.23
C PHE B 17 1.44 13.63 -1.04
N VAL B 18 2.24 12.58 -0.91
CA VAL B 18 3.46 12.43 -1.68
C VAL B 18 3.30 11.25 -2.64
N ASP B 19 3.51 11.52 -3.92
CA ASP B 19 3.48 10.48 -4.95
C ASP B 19 4.68 9.55 -4.74
N VAL B 20 4.43 8.24 -4.68
CA VAL B 20 5.52 7.28 -4.47
C VAL B 20 5.60 6.18 -5.54
N GLN B 21 4.78 6.29 -6.57
CA GLN B 21 4.80 5.30 -7.65
C GLN B 21 6.00 5.54 -8.60
N SER B 22 6.54 4.47 -9.18
CA SER B 22 7.62 4.64 -10.15
C SER B 22 7.16 5.48 -11.32
N ASP B 23 8.07 6.30 -11.86
CA ASP B 23 7.74 7.08 -13.05
C ASP B 23 7.71 6.23 -14.33
N ILE B 24 8.25 5.01 -14.28
CA ILE B 24 8.21 4.14 -15.46
C ILE B 24 6.96 3.25 -15.47
N ILE B 25 6.16 3.30 -14.40
CA ILE B 25 4.93 2.51 -14.32
C ILE B 25 3.72 3.42 -14.61
N ASP B 26 3.06 3.19 -15.75
CA ASP B 26 1.96 4.04 -16.15
C ASP B 26 0.63 3.37 -15.81
N THR B 27 -0.17 4.05 -14.98
CA THR B 27 -1.50 3.58 -14.63
C THR B 27 -2.45 4.72 -15.00
N PRO B 28 -3.01 4.69 -16.21
CA PRO B 28 -3.79 5.83 -16.69
C PRO B 28 -4.86 6.23 -15.68
N GLY B 29 -4.90 7.52 -15.35
CA GLY B 29 -5.91 8.05 -14.46
C GLY B 29 -5.68 7.89 -12.97
N ARG B 30 -4.58 7.25 -12.58
CA ARG B 30 -4.35 6.97 -11.15
C ARG B 30 -2.87 7.13 -10.80
N ARG B 31 -2.58 7.41 -9.53
CA ARG B 31 -1.21 7.36 -8.99
C ARG B 31 -1.24 6.90 -7.55
N MET B 32 -0.28 6.04 -7.18
CA MET B 32 -0.13 5.60 -5.78
C MET B 32 0.61 6.68 -4.97
N VAL B 33 0.02 7.08 -3.85
CA VAL B 33 0.52 8.21 -3.05
C VAL B 33 0.40 7.91 -1.56
N ILE B 34 1.25 8.55 -0.74
CA ILE B 34 1.19 8.43 0.72
C ILE B 34 0.69 9.75 1.29
N PRO B 35 -0.43 9.71 2.05
CA PRO B 35 -0.93 10.97 2.65
C PRO B 35 -0.11 11.46 3.83
N LEU B 36 -0.10 12.77 4.04
CA LEU B 36 0.61 13.38 5.16
C LEU B 36 -0.35 13.80 6.27
N ALA B 37 0.04 13.52 7.52
CA ALA B 37 -0.72 13.96 8.69
C ALA B 37 0.16 14.89 9.51
N SER B 38 -0.41 15.92 10.12
CA SER B 38 0.39 16.82 10.93
CA SER B 38 0.39 16.82 10.93
C SER B 38 1.18 16.06 12.00
N ALA B 39 2.48 16.28 12.06
CA ALA B 39 3.33 15.50 12.96
C ALA B 39 2.92 15.62 14.42
N ARG B 40 2.37 16.77 14.79
CA ARG B 40 1.93 16.99 16.17
C ARG B 40 0.86 15.97 16.57
N LEU B 41 0.28 15.29 15.60
CA LEU B 41 -0.85 14.38 15.86
CA LEU B 41 -0.85 14.40 15.88
C LEU B 41 -0.41 12.98 16.29
N LEU B 42 0.88 12.69 16.17
CA LEU B 42 1.42 11.36 16.49
C LEU B 42 2.59 11.43 17.47
N SER B 43 2.64 10.48 18.41
CA SER B 43 3.71 10.47 19.42
C SER B 43 5.01 9.85 18.91
N ASP B 44 6.06 9.95 19.73
CA ASP B 44 7.35 9.39 19.37
C ASP B 44 7.39 7.86 19.47
N LYS B 45 6.32 7.25 19.98
CA LYS B 45 6.21 5.79 19.97
C LYS B 45 5.97 5.27 18.55
N VAL B 46 5.58 6.16 17.64
CA VAL B 46 5.32 5.79 16.25
C VAL B 46 6.63 5.76 15.44
N SER B 47 6.96 4.59 14.90
CA SER B 47 8.22 4.40 14.18
C SER B 47 8.47 5.47 13.11
N ARG B 48 9.61 6.13 13.19
CA ARG B 48 10.02 7.06 12.13
C ARG B 48 10.56 6.32 10.92
N GLU B 49 10.96 5.06 11.10
CA GLU B 49 11.43 4.25 9.97
C GLU B 49 10.23 3.93 9.07
N LEU B 50 9.12 3.55 9.68
CA LEU B 50 7.92 3.21 8.92
C LEU B 50 7.09 4.44 8.54
N TYR B 51 7.09 5.46 9.39
CA TYR B 51 6.28 6.65 9.19
C TYR B 51 7.20 7.89 9.28
N PRO B 52 7.96 8.18 8.20
CA PRO B 52 8.95 9.27 8.25
C PRO B 52 8.35 10.63 8.57
N VAL B 53 9.15 11.48 9.20
CA VAL B 53 8.79 12.87 9.45
C VAL B 53 9.49 13.76 8.44
N VAL B 54 8.71 14.60 7.77
CA VAL B 54 9.25 15.50 6.78
C VAL B 54 8.84 16.93 7.12
N HIS B 55 9.72 17.88 6.82
CA HIS B 55 9.46 19.28 7.11
C HIS B 55 9.26 20.08 5.83
N ILE B 56 8.08 20.67 5.69
CA ILE B 56 7.79 21.49 4.52
C ILE B 56 7.43 22.90 4.96
N GLY B 57 8.32 23.85 4.69
CA GLY B 57 8.18 25.21 5.17
C GLY B 57 8.07 25.25 6.69
N ASP B 58 6.99 25.84 7.21
CA ASP B 58 6.79 25.94 8.65
C ASP B 58 6.02 24.77 9.25
N GLU B 59 5.74 23.74 8.46
CA GLU B 59 4.97 22.60 8.97
C GLU B 59 5.79 21.32 9.02
N SER B 60 5.53 20.50 10.03
CA SER B 60 6.12 19.16 10.10
C SER B 60 5.01 18.13 9.87
N TRP B 61 5.34 17.10 9.08
CA TRP B 61 4.36 16.11 8.63
C TRP B 61 4.87 14.70 8.83
N ARG B 62 3.97 13.80 9.20
CA ARG B 62 4.25 12.38 9.20
C ARG B 62 3.73 11.79 7.89
N MET B 63 4.55 10.96 7.27
CA MET B 63 4.12 10.18 6.12
C MET B 63 3.39 8.93 6.58
N MET B 64 2.09 8.87 6.30
CA MET B 64 1.24 7.76 6.77
C MET B 64 1.32 6.58 5.79
N THR B 65 2.50 5.97 5.78
CA THR B 65 2.87 4.95 4.80
C THR B 65 1.82 3.86 4.63
N THR B 66 1.35 3.32 5.74
CA THR B 66 0.41 2.19 5.67
C THR B 66 -0.99 2.57 5.20
N ASP B 67 -1.28 3.88 5.15
CA ASP B 67 -2.55 4.39 4.64
C ASP B 67 -2.38 4.92 3.21
N MET B 68 -1.34 4.44 2.52
CA MET B 68 -1.14 4.79 1.12
C MET B 68 -2.31 4.38 0.23
N ALA B 69 -2.52 5.06 -0.88
CA ALA B 69 -3.56 4.65 -1.82
C ALA B 69 -3.35 5.23 -3.18
N SER B 70 -3.79 4.50 -4.21
CA SER B 70 -3.90 5.09 -5.54
CA SER B 70 -3.89 5.09 -5.53
C SER B 70 -5.14 5.97 -5.61
N VAL B 71 -4.95 7.16 -6.17
CA VAL B 71 -6.01 8.15 -6.23
C VAL B 71 -6.30 8.51 -7.67
N PRO B 72 -7.51 8.98 -7.94
CA PRO B 72 -7.84 9.47 -9.29
C PRO B 72 -7.07 10.74 -9.59
N VAL B 73 -6.64 10.89 -10.84
CA VAL B 73 -5.95 12.11 -11.23
C VAL B 73 -6.78 13.38 -10.94
N SER B 74 -8.10 13.23 -10.94
CA SER B 74 -9.02 14.34 -10.63
C SER B 74 -8.84 14.94 -9.23
N VAL B 75 -8.25 14.19 -8.30
CA VAL B 75 -8.03 14.73 -6.95
C VAL B 75 -6.58 15.15 -6.70
N ILE B 76 -5.76 15.10 -7.75
CA ILE B 76 -4.38 15.56 -7.62
C ILE B 76 -4.29 17.05 -7.93
N GLY B 77 -4.02 17.84 -6.88
CA GLY B 77 -3.92 19.28 -7.02
C GLY B 77 -2.52 19.73 -7.44
N GLU B 78 -2.21 20.99 -7.16
CA GLU B 78 -0.92 21.53 -7.57
C GLU B 78 0.23 20.95 -6.77
N GLU B 79 1.41 20.91 -7.38
CA GLU B 79 2.62 20.54 -6.64
C GLU B 79 2.95 21.62 -5.63
N VAL B 80 3.32 21.22 -4.42
CA VAL B 80 3.64 22.18 -3.37
C VAL B 80 5.05 21.98 -2.80
N ALA B 81 5.65 20.81 -3.04
CA ALA B 81 6.99 20.54 -2.56
C ALA B 81 7.61 19.34 -3.27
N ASP B 82 8.91 19.11 -3.03
CA ASP B 82 9.65 17.97 -3.56
C ASP B 82 10.36 17.27 -2.40
N LEU B 83 10.20 15.94 -2.31
CA LEU B 83 10.86 15.17 -1.26
C LEU B 83 11.87 14.18 -1.84
N SER B 84 12.37 14.45 -3.05
CA SER B 84 13.36 13.54 -3.65
C SER B 84 14.61 13.37 -2.80
N HIS B 85 14.93 14.40 -2.00
CA HIS B 85 16.09 14.29 -1.11
C HIS B 85 15.87 13.28 0.03
N ARG B 86 14.62 12.84 0.21
CA ARG B 86 14.30 11.83 1.22
C ARG B 86 14.01 10.46 0.59
N GLU B 87 14.50 10.25 -0.63
CA GLU B 87 14.24 8.99 -1.35
C GLU B 87 14.62 7.77 -0.53
N ASN B 88 15.79 7.81 0.12
CA ASN B 88 16.27 6.65 0.84
C ASN B 88 15.34 6.29 2.00
N ASP B 89 14.94 7.28 2.78
CA ASP B 89 13.99 7.06 3.88
C ASP B 89 12.63 6.57 3.36
N ILE B 90 12.17 7.09 2.23
CA ILE B 90 10.86 6.71 1.73
C ILE B 90 10.89 5.27 1.22
N LYS B 91 11.95 4.94 0.50
CA LYS B 91 12.14 3.57 0.03
C LYS B 91 12.23 2.62 1.21
N ASN B 92 12.97 3.01 2.25
CA ASN B 92 13.10 2.16 3.44
C ASN B 92 11.75 1.93 4.12
N ALA B 93 10.92 2.96 4.18
CA ALA B 93 9.62 2.88 4.84
C ALA B 93 8.70 1.90 4.09
N ILE B 94 8.66 2.05 2.77
CA ILE B 94 7.77 1.22 1.95
C ILE B 94 8.26 -0.21 1.95
N ASN B 95 9.58 -0.39 1.83
CA ASN B 95 10.12 -1.75 1.86
C ASN B 95 9.92 -2.43 3.22
N LEU B 96 9.93 -1.65 4.31
CA LEU B 96 9.62 -2.22 5.61
C LEU B 96 8.18 -2.73 5.66
N MET B 97 7.23 -1.94 5.14
CA MET B 97 5.84 -2.33 5.15
C MET B 97 5.59 -3.67 4.47
N PHE B 98 6.21 -3.88 3.30
CA PHE B 98 6.04 -5.12 2.56
C PHE B 98 6.92 -6.27 3.04
N TRP B 99 8.20 -6.00 3.26
CA TRP B 99 9.20 -7.06 3.45
C TRP B 99 9.80 -7.18 4.84
N GLY B 100 9.36 -6.32 5.77
CA GLY B 100 9.84 -6.40 7.14
C GLY B 100 11.31 -6.09 7.32
N ILE B 101 11.84 -5.20 6.48
CA ILE B 101 13.25 -4.83 6.53
N ARG C 4 14.42 -11.39 16.03
CA ARG C 4 14.51 -10.03 15.50
C ARG C 4 13.15 -9.48 15.08
N ALA C 5 12.31 -10.34 14.51
CA ALA C 5 10.96 -9.92 14.13
C ALA C 5 10.11 -9.64 15.37
N GLU C 6 10.28 -10.47 16.40
CA GLU C 6 9.55 -10.23 17.64
C GLU C 6 10.04 -8.96 18.33
N ARG C 7 11.33 -8.68 18.18
CA ARG C 7 11.87 -7.43 18.70
C ARG C 7 11.23 -6.24 17.98
N TRP C 8 11.08 -6.33 16.66
CA TRP C 8 10.40 -5.25 15.91
C TRP C 8 8.93 -5.08 16.30
N LYS C 9 8.19 -6.18 16.35
CA LYS C 9 6.80 -6.12 16.79
C LYS C 9 6.66 -5.49 18.18
N ALA C 10 7.55 -5.87 19.10
CA ALA C 10 7.45 -5.42 20.49
C ALA C 10 7.76 -3.94 20.65
N GLU C 11 8.83 -3.49 20.01
CA GLU C 11 9.23 -2.10 20.11
C GLU C 11 8.08 -1.26 19.60
N ASN C 12 7.33 -1.80 18.64
CA ASN C 12 6.34 -1.02 17.90
C ASN C 12 4.85 -1.27 18.18
N GLN C 13 4.52 -2.25 19.02
CA GLN C 13 3.13 -2.58 19.31
CA GLN C 13 3.12 -2.57 19.30
C GLN C 13 2.32 -1.34 19.75
N GLU C 14 2.88 -0.53 20.63
CA GLU C 14 2.18 0.67 21.10
C GLU C 14 1.97 1.68 19.97
N GLY C 15 3.02 1.96 19.21
CA GLY C 15 2.95 2.90 18.11
C GLY C 15 1.97 2.48 17.02
N MET C 16 1.97 1.19 16.69
CA MET C 16 1.07 0.69 15.64
C MET C 16 -0.38 0.77 16.10
N ALA C 17 -0.64 0.48 17.37
CA ALA C 17 -1.98 0.62 17.93
C ALA C 17 -2.40 2.08 17.87
N GLU C 18 -1.46 2.97 18.18
CA GLU C 18 -1.74 4.41 18.13
C GLU C 18 -2.10 4.88 16.72
N VAL C 19 -1.34 4.46 15.73
CA VAL C 19 -1.66 4.80 14.34
C VAL C 19 -3.03 4.25 13.93
N ALA C 20 -3.34 3.01 14.31
CA ALA C 20 -4.63 2.46 13.94
C ALA C 20 -5.79 3.27 14.53
N ARG C 21 -5.65 3.69 15.79
CA ARG C 21 -6.66 4.54 16.41
C ARG C 21 -6.76 5.89 15.70
N PHE C 22 -5.60 6.43 15.30
CA PHE C 22 -5.58 7.69 14.58
C PHE C 22 -6.34 7.60 13.25
N ILE C 23 -6.08 6.53 12.50
CA ILE C 23 -6.76 6.32 11.23
C ILE C 23 -8.27 6.13 11.41
N GLU C 24 -8.65 5.40 12.45
CA GLU C 24 -10.07 5.17 12.76
C GLU C 24 -10.79 6.51 13.02
N MET C 25 -10.12 7.38 13.78
CA MET C 25 -10.69 8.68 14.14
C MET C 25 -10.66 9.68 12.99
N ASN C 26 -9.57 9.69 12.26
CA ASN C 26 -9.28 10.69 11.23
C ASN C 26 -9.90 10.34 9.87
N GLY C 27 -10.19 9.06 9.68
CA GLY C 27 -10.62 8.57 8.38
C GLY C 27 -9.44 7.98 7.60
N SER C 28 -9.66 6.83 6.97
CA SER C 28 -8.62 6.22 6.13
C SER C 28 -8.59 6.82 4.72
N PHE C 29 -7.41 7.30 4.34
CA PHE C 29 -7.18 7.76 2.99
C PHE C 29 -7.45 6.64 1.97
N ALA C 30 -6.99 5.44 2.30
CA ALA C 30 -7.27 4.29 1.45
C ALA C 30 -8.77 4.06 1.22
N ASP C 31 -9.55 4.12 2.28
CA ASP C 31 -11.01 3.93 2.13
C ASP C 31 -11.63 5.05 1.27
N GLU C 32 -11.13 6.28 1.43
CA GLU C 32 -11.58 7.43 0.64
C GLU C 32 -11.40 7.22 -0.87
N ASN C 33 -10.41 6.40 -1.24
CA ASN C 33 -9.97 6.31 -2.63
C ASN C 33 -10.06 4.94 -3.35
N ARG C 34 -10.34 3.87 -2.62
CA ARG C 34 -10.34 2.56 -3.28
C ARG C 34 -11.42 2.52 -4.38
N ASP C 35 -11.09 1.99 -5.55
CA ASP C 35 -12.04 1.97 -6.67
C ASP C 35 -12.52 0.56 -6.97
N TRP C 36 -12.31 -0.36 -6.03
CA TRP C 36 -12.89 -1.70 -6.12
C TRP C 36 -13.35 -2.14 -4.75
C1 PEG D . 6.17 -4.15 -20.36
O1 PEG D . 5.61 -3.83 -19.12
C2 PEG D . 5.23 -4.57 -21.47
O2 PEG D . 4.09 -3.78 -21.69
C3 PEG D . 3.04 -4.25 -22.48
C4 PEG D . 1.63 -3.89 -22.04
S SO4 E . 13.41 17.22 5.57
O1 SO4 E . 14.40 16.17 5.35
O2 SO4 E . 13.57 18.23 4.53
O3 SO4 E . 12.06 16.64 5.46
O4 SO4 E . 13.60 17.83 6.88
#